data_6RPN
#
_entry.id   6RPN
#
_cell.length_a   101.081
_cell.length_b   79.155
_cell.length_c   67.746
_cell.angle_alpha   90.000
_cell.angle_beta   130.030
_cell.angle_gamma   90.000
#
_symmetry.space_group_name_H-M   'C 1 2 1'
#
loop_
_entity.id
_entity.type
_entity.pdbx_description
1 polymer 'Beta-lactamase VIM-2'
2 non-polymer '(3~{R})-2,2-bis(oxidanyl)-3-(phenylmethylsulfanyl)-3,4-dihydro-1,2-benzoxaborinin-2-ium-8-carboxylic acid'
3 non-polymer '(3~{S})-2,2-bis(oxidanyl)-3-(phenylmethylsulfanyl)-3,4-dihydro-1,2-benzoxaborinin-2-ium-8-carboxylic acid'
4 non-polymer 'ZINC ION'
5 non-polymer 'CHLORIDE ION'
6 non-polymer 'MAGNESIUM ION'
7 non-polymer GLYCEROL
8 water water
#
_entity_poly.entity_id   1
_entity_poly.type   'polypeptide(L)'
_entity_poly.pdbx_seq_one_letter_code
;GPVDSSGEYPTVSEIPVGEVRLYQIADGVWSHIATQSFDGAVYPSNGLIVRDGDELLLIDTAWGAKNTAALLAEIEKQIG
LPVTRAVSTHFHDDRVGGVDVLRAAGVATYASPSTRRLAEVEGNEIPTHSLEGLSSSGDAVRFGPVELFYPGAAHSTDNL
VVYVPSASVLYGGCAIYELSRTSAGNVADADLAEWPTSIERIQQHYPEAQFVIPGHGLPGGLDLLKHTTNVVKAHTNRSV
VE
;
_entity_poly.pdbx_strand_id   A,B
#
loop_
_chem_comp.id
_chem_comp.type
_chem_comp.name
_chem_comp.formula
CL non-polymer 'CHLORIDE ION' 'Cl -1'
GOL non-polymer GLYCEROL 'C3 H8 O3'
KDZ non-polymer '(3~{R})-2,2-bis(oxidanyl)-3-(phenylmethylsulfanyl)-3,4-dihydro-1,2-benzoxaborinin-2-ium-8-carboxylic acid' 'C16 H16 B O5 S -1'
KL8 non-polymer '(3~{S})-2,2-bis(oxidanyl)-3-(phenylmethylsulfanyl)-3,4-dihydro-1,2-benzoxaborinin-2-ium-8-carboxylic acid' 'C16 H16 B O5 S -1'
MG non-polymer 'MAGNESIUM ION' 'Mg 2'
ZN non-polymer 'ZINC ION' 'Zn 2'
#
# COMPACT_ATOMS: atom_id res chain seq x y z
N GLY A 7 11.71 -6.93 14.87
CA GLY A 7 12.57 -8.03 14.44
C GLY A 7 14.00 -7.57 14.25
N GLU A 8 14.51 -7.71 13.03
CA GLU A 8 15.88 -7.33 12.72
C GLU A 8 15.91 -6.61 11.36
N TYR A 9 15.32 -7.20 10.33
CA TYR A 9 15.22 -6.50 9.03
C TYR A 9 14.24 -5.32 9.16
N PRO A 10 14.60 -4.14 8.64
CA PRO A 10 13.70 -2.99 8.76
C PRO A 10 12.42 -3.16 7.97
N THR A 11 11.33 -2.63 8.54
CA THR A 11 9.99 -2.68 7.96
C THR A 11 9.40 -1.27 7.87
N VAL A 12 8.24 -1.16 7.21
CA VAL A 12 7.64 0.15 6.96
C VAL A 12 7.49 0.95 8.26
N SER A 13 6.95 0.31 9.29
CA SER A 13 6.66 0.97 10.56
CA SER A 13 6.65 1.09 10.49
C SER A 13 7.90 1.63 11.17
N GLU A 14 9.08 1.19 10.76
CA GLU A 14 10.33 1.71 11.30
C GLU A 14 10.94 2.82 10.44
N ILE A 15 10.41 3.06 9.24
CA ILE A 15 11.08 3.94 8.28
C ILE A 15 10.12 5.01 7.76
N PRO A 16 10.12 6.20 8.34
CA PRO A 16 9.34 7.30 7.75
C PRO A 16 9.79 7.54 6.31
N VAL A 17 8.83 7.87 5.45
CA VAL A 17 9.20 8.21 4.08
C VAL A 17 10.22 9.33 4.11
N GLY A 18 11.33 9.13 3.39
CA GLY A 18 12.44 10.07 3.39
C GLY A 18 13.67 9.58 4.10
N GLU A 19 13.57 8.53 4.90
CA GLU A 19 14.72 7.95 5.57
C GLU A 19 15.14 6.66 4.88
N VAL A 20 16.41 6.29 5.02
CA VAL A 20 16.91 5.08 4.40
C VAL A 20 17.71 4.31 5.43
N ARG A 21 17.51 2.99 5.46
CA ARG A 21 18.29 2.12 6.33
C ARG A 21 19.20 1.24 5.48
N LEU A 22 20.32 0.86 6.07
CA LEU A 22 21.19 -0.14 5.47
C LEU A 22 21.17 -1.40 6.33
N TYR A 23 21.29 -2.55 5.66
CA TYR A 23 21.31 -3.83 6.35
C TYR A 23 22.41 -4.68 5.75
N GLN A 24 23.37 -5.07 6.58
CA GLN A 24 24.46 -5.91 6.09
C GLN A 24 23.97 -7.35 5.89
N ILE A 25 24.09 -7.84 4.66
N ILE A 25 24.10 -7.85 4.67
CA ILE A 25 23.69 -9.20 4.33
CA ILE A 25 23.69 -9.21 4.34
C ILE A 25 24.85 -10.18 4.49
C ILE A 25 24.86 -10.18 4.51
N ALA A 26 26.04 -9.74 4.11
CA ALA A 26 27.23 -10.58 4.11
C ALA A 26 28.40 -9.60 3.98
N ASP A 27 29.62 -10.14 4.07
CA ASP A 27 30.80 -9.32 3.90
C ASP A 27 30.75 -8.59 2.57
N GLY A 28 30.82 -7.25 2.65
CA GLY A 28 30.82 -6.40 1.47
C GLY A 28 29.53 -6.34 0.69
N VAL A 29 28.42 -6.78 1.28
CA VAL A 29 27.11 -6.72 0.65
C VAL A 29 26.09 -6.20 1.64
N TRP A 30 25.39 -5.15 1.27
CA TRP A 30 24.30 -4.61 2.06
C TRP A 30 23.05 -4.51 1.20
N SER A 31 21.89 -4.55 1.83
CA SER A 31 20.71 -3.99 1.19
C SER A 31 20.50 -2.58 1.71
N HIS A 32 19.83 -1.78 0.88
CA HIS A 32 19.29 -0.48 1.30
C HIS A 32 17.77 -0.57 1.28
N ILE A 33 17.16 0.02 2.31
CA ILE A 33 15.72 -0.08 2.50
C ILE A 33 15.15 1.33 2.64
N ALA A 34 14.17 1.64 1.80
CA ALA A 34 13.47 2.92 1.84
C ALA A 34 11.97 2.64 1.80
N THR A 35 11.19 3.71 1.93
CA THR A 35 9.74 3.63 1.90
C THR A 35 9.19 4.72 1.00
N GLN A 36 8.01 4.46 0.44
CA GLN A 36 7.43 5.42 -0.49
C GLN A 36 5.91 5.23 -0.53
N SER A 37 5.22 6.33 -0.75
CA SER A 37 3.77 6.32 -0.89
C SER A 37 3.40 5.90 -2.31
N PHE A 38 2.43 5.01 -2.41
CA PHE A 38 1.95 4.55 -3.71
C PHE A 38 0.50 4.14 -3.56
N ASP A 39 -0.37 4.81 -4.33
CA ASP A 39 -1.80 4.52 -4.38
C ASP A 39 -2.36 4.33 -2.98
N GLY A 40 -2.08 5.32 -2.12
CA GLY A 40 -2.70 5.42 -0.83
C GLY A 40 -2.09 4.59 0.26
N ALA A 41 -1.02 3.86 -0.03
CA ALA A 41 -0.35 3.05 0.97
C ALA A 41 1.13 3.39 0.96
N VAL A 42 1.83 2.90 1.98
CA VAL A 42 3.28 3.01 2.04
C VAL A 42 3.88 1.62 1.88
N TYR A 43 4.86 1.52 0.98
CA TYR A 43 5.58 0.29 0.67
C TYR A 43 7.05 0.44 1.03
N PRO A 44 7.68 -0.60 1.56
CA PRO A 44 9.15 -0.63 1.64
C PRO A 44 9.72 -1.08 0.30
N SER A 45 11.00 -0.80 0.10
CA SER A 45 11.64 -1.15 -1.15
C SER A 45 13.11 -1.37 -0.89
N ASN A 46 13.67 -2.42 -1.51
CA ASN A 46 15.07 -2.76 -1.33
C ASN A 46 15.89 -2.47 -2.58
N GLY A 47 17.15 -2.10 -2.34
CA GLY A 47 18.21 -2.21 -3.33
C GLY A 47 19.42 -2.88 -2.72
N LEU A 48 20.55 -2.84 -3.43
CA LEU A 48 21.75 -3.52 -2.96
C LEU A 48 22.97 -2.61 -3.08
N ILE A 49 23.97 -2.87 -2.25
CA ILE A 49 25.26 -2.19 -2.28
C ILE A 49 26.32 -3.27 -2.20
N VAL A 50 27.28 -3.25 -3.12
CA VAL A 50 28.30 -4.28 -3.22
C VAL A 50 29.66 -3.61 -3.24
N ARG A 51 30.50 -3.96 -2.29
CA ARG A 51 31.85 -3.41 -2.27
C ARG A 51 32.63 -3.90 -3.49
N ASP A 52 33.32 -2.95 -4.14
CA ASP A 52 33.98 -3.10 -5.45
C ASP A 52 35.39 -2.55 -5.25
N GLY A 53 36.24 -3.33 -4.60
CA GLY A 53 37.56 -2.85 -4.23
C GLY A 53 37.46 -1.81 -3.14
N ASP A 54 37.91 -0.60 -3.43
CA ASP A 54 37.78 0.53 -2.52
C ASP A 54 36.66 1.47 -2.94
N GLU A 55 35.80 1.00 -3.83
CA GLU A 55 34.62 1.73 -4.28
C GLU A 55 33.38 0.90 -3.99
N LEU A 56 32.23 1.44 -4.38
CA LEU A 56 30.96 0.76 -4.21
C LEU A 56 30.18 0.73 -5.51
N LEU A 57 29.54 -0.41 -5.75
CA LEU A 57 28.55 -0.57 -6.80
C LEU A 57 27.16 -0.55 -6.19
N LEU A 58 26.30 0.32 -6.72
CA LEU A 58 24.92 0.44 -6.25
C LEU A 58 23.98 -0.28 -7.20
N ILE A 59 23.07 -1.08 -6.64
CA ILE A 59 21.99 -1.69 -7.40
C ILE A 59 20.70 -1.00 -6.97
N ASP A 60 20.11 -0.24 -7.91
CA ASP A 60 18.82 0.44 -7.79
C ASP A 60 18.83 1.67 -6.91
N THR A 61 17.99 2.62 -7.29
CA THR A 61 17.78 3.81 -6.47
C THR A 61 16.91 3.45 -5.27
N ALA A 62 16.70 4.44 -4.41
CA ALA A 62 15.86 4.30 -3.23
C ALA A 62 14.46 4.85 -3.46
N TRP A 63 13.99 4.84 -4.71
CA TRP A 63 12.61 5.16 -5.07
C TRP A 63 12.32 6.64 -4.85
N GLY A 64 13.01 7.49 -5.62
CA GLY A 64 12.77 8.90 -5.67
C GLY A 64 14.01 9.72 -5.35
N ALA A 65 13.98 10.99 -5.72
CA ALA A 65 15.15 11.84 -5.55
C ALA A 65 15.48 12.09 -4.08
N LYS A 66 14.49 12.44 -3.27
CA LYS A 66 14.77 12.70 -1.86
C LYS A 66 15.31 11.45 -1.17
N ASN A 67 14.68 10.30 -1.38
CA ASN A 67 15.18 9.07 -0.78
C ASN A 67 16.59 8.76 -1.27
N THR A 68 16.86 9.00 -2.56
CA THR A 68 18.17 8.63 -3.10
C THR A 68 19.25 9.54 -2.54
N ALA A 69 18.94 10.82 -2.32
CA ALA A 69 19.90 11.68 -1.65
C ALA A 69 20.17 11.17 -0.23
N ALA A 70 19.12 10.75 0.47
CA ALA A 70 19.30 10.18 1.82
C ALA A 70 20.13 8.90 1.76
N LEU A 71 19.91 8.09 0.72
CA LEU A 71 20.71 6.87 0.54
C LEU A 71 22.19 7.19 0.44
N LEU A 72 22.55 8.16 -0.41
CA LEU A 72 23.96 8.49 -0.57
C LEU A 72 24.55 9.00 0.74
N ALA A 73 23.76 9.76 1.50
CA ALA A 73 24.26 10.25 2.77
C ALA A 73 24.44 9.11 3.77
N GLU A 74 23.52 8.15 3.79
CA GLU A 74 23.67 7.02 4.70
C GLU A 74 24.87 6.17 4.32
N ILE A 75 25.09 5.97 3.02
CA ILE A 75 26.28 5.22 2.58
C ILE A 75 27.55 5.92 3.05
N GLU A 76 27.63 7.23 2.85
CA GLU A 76 28.82 7.95 3.28
C GLU A 76 29.02 7.85 4.79
N LYS A 77 27.94 7.94 5.55
CA LYS A 77 28.04 7.88 7.01
C LYS A 77 28.49 6.50 7.47
N GLN A 78 27.89 5.45 6.92
CA GLN A 78 28.04 4.11 7.48
C GLN A 78 29.14 3.30 6.83
N ILE A 79 29.45 3.56 5.56
CA ILE A 79 30.45 2.81 4.81
C ILE A 79 31.63 3.70 4.44
N GLY A 80 31.35 4.89 3.91
CA GLY A 80 32.39 5.87 3.69
C GLY A 80 33.25 5.64 2.48
N LEU A 81 32.83 4.79 1.54
CA LEU A 81 33.53 4.57 0.29
C LEU A 81 32.70 5.16 -0.85
N PRO A 82 33.34 5.60 -1.92
CA PRO A 82 32.59 6.27 -3.00
C PRO A 82 31.78 5.31 -3.85
N VAL A 83 30.55 5.72 -4.17
CA VAL A 83 29.69 4.99 -5.09
C VAL A 83 30.08 5.42 -6.50
N THR A 84 30.64 4.52 -7.28
CA THR A 84 31.16 4.93 -8.59
C THR A 84 30.27 4.51 -9.73
N ARG A 85 29.48 3.45 -9.56
CA ARG A 85 28.60 2.96 -10.60
C ARG A 85 27.30 2.50 -9.97
N ALA A 86 26.22 2.60 -10.75
CA ALA A 86 24.93 2.08 -10.33
C ALA A 86 24.27 1.36 -11.50
N VAL A 87 23.53 0.31 -11.16
CA VAL A 87 22.74 -0.46 -12.13
C VAL A 87 21.29 -0.40 -11.68
N SER A 88 20.39 -0.05 -12.59
CA SER A 88 18.95 -0.13 -12.34
C SER A 88 18.40 -1.39 -12.98
N THR A 89 17.63 -2.17 -12.22
CA THR A 89 17.24 -3.51 -12.64
C THR A 89 15.94 -3.56 -13.45
N HIS A 90 15.17 -2.49 -13.50
CA HIS A 90 14.14 -2.30 -14.53
C HIS A 90 13.77 -0.82 -14.56
N PHE A 91 12.79 -0.49 -15.40
CA PHE A 91 12.53 0.89 -15.75
C PHE A 91 11.58 1.64 -14.82
N HIS A 92 11.02 1.02 -13.78
CA HIS A 92 10.06 1.69 -12.92
C HIS A 92 10.75 2.57 -11.86
N ASP A 93 9.96 3.45 -11.22
CA ASP A 93 10.50 4.51 -10.36
C ASP A 93 11.22 3.98 -9.12
N ASP A 94 10.86 2.79 -8.61
CA ASP A 94 11.58 2.24 -7.46
C ASP A 94 12.98 1.76 -7.82
N ARG A 95 13.34 1.79 -9.11
CA ARG A 95 14.63 1.36 -9.63
C ARG A 95 15.41 2.48 -10.30
N VAL A 96 14.73 3.42 -10.98
CA VAL A 96 15.38 4.53 -11.66
C VAL A 96 15.04 5.90 -11.07
N GLY A 97 14.03 6.01 -10.21
CA GLY A 97 13.69 7.29 -9.61
C GLY A 97 14.78 7.72 -8.67
N GLY A 98 15.49 8.79 -9.01
CA GLY A 98 16.69 9.17 -8.28
C GLY A 98 17.97 9.03 -9.08
N VAL A 99 17.89 8.53 -10.32
CA VAL A 99 19.07 8.43 -11.18
C VAL A 99 19.73 9.79 -11.40
N ASP A 100 18.94 10.86 -11.53
CA ASP A 100 19.51 12.18 -11.75
C ASP A 100 20.35 12.61 -10.53
N VAL A 101 19.88 12.27 -9.32
CA VAL A 101 20.64 12.55 -8.10
C VAL A 101 21.95 11.78 -8.11
N LEU A 102 21.90 10.50 -8.50
CA LEU A 102 23.13 9.71 -8.61
C LEU A 102 24.09 10.36 -9.60
N ARG A 103 23.58 10.71 -10.78
CA ARG A 103 24.43 11.32 -11.80
C ARG A 103 25.06 12.63 -11.31
N ALA A 104 24.27 13.47 -10.62
CA ALA A 104 24.80 14.74 -10.14
C ALA A 104 25.88 14.51 -9.10
N ALA A 105 25.83 13.38 -8.39
CA ALA A 105 26.82 13.03 -7.39
C ALA A 105 28.06 12.35 -7.97
N GLY A 106 28.14 12.22 -9.28
CA GLY A 106 29.29 11.60 -9.92
C GLY A 106 29.20 10.11 -10.15
N VAL A 107 28.04 9.50 -9.93
CA VAL A 107 27.85 8.07 -10.15
C VAL A 107 27.58 7.84 -11.63
N ALA A 108 28.29 6.87 -12.21
CA ALA A 108 28.04 6.43 -13.59
C ALA A 108 26.86 5.46 -13.54
N THR A 109 25.73 5.87 -14.13
CA THR A 109 24.49 5.10 -14.05
C THR A 109 24.31 4.22 -15.28
N TYR A 110 23.85 2.99 -15.04
CA TYR A 110 23.77 1.97 -16.08
C TYR A 110 22.41 1.30 -16.08
N ALA A 111 21.98 0.90 -17.27
CA ALA A 111 20.84 0.01 -17.44
C ALA A 111 20.95 -0.64 -18.81
N SER A 112 20.16 -1.70 -19.01
CA SER A 112 20.14 -2.32 -20.33
C SER A 112 19.47 -1.40 -21.35
N PRO A 113 19.72 -1.62 -22.64
CA PRO A 113 18.97 -0.87 -23.66
C PRO A 113 17.47 -1.06 -23.57
N SER A 114 17.05 -2.25 -23.15
CA SER A 114 15.63 -2.52 -22.95
C SER A 114 15.06 -1.58 -21.88
N THR A 115 15.72 -1.52 -20.72
CA THR A 115 15.28 -0.62 -19.66
C THR A 115 15.31 0.83 -20.10
N ARG A 116 16.38 1.24 -20.80
N ARG A 116 16.39 1.25 -20.78
CA ARG A 116 16.49 2.64 -21.22
CA ARG A 116 16.50 2.63 -21.23
C ARG A 116 15.38 3.01 -22.20
C ARG A 116 15.37 3.00 -22.19
N ARG A 117 15.05 2.11 -23.12
CA ARG A 117 13.96 2.34 -24.08
C ARG A 117 12.63 2.50 -23.35
N LEU A 118 12.35 1.61 -22.40
CA LEU A 118 11.06 1.63 -21.70
C LEU A 118 10.95 2.84 -20.79
N ALA A 119 12.05 3.19 -20.12
CA ALA A 119 12.06 4.40 -19.30
C ALA A 119 11.76 5.63 -20.15
N GLU A 120 12.37 5.73 -21.33
CA GLU A 120 12.11 6.89 -22.18
C GLU A 120 10.64 6.95 -22.59
N VAL A 121 10.07 5.82 -23.03
CA VAL A 121 8.68 5.81 -23.45
C VAL A 121 7.77 6.26 -22.30
N GLU A 122 8.07 5.77 -21.09
CA GLU A 122 7.24 6.02 -19.93
C GLU A 122 7.40 7.42 -19.34
N GLY A 123 8.53 8.07 -19.59
CA GLY A 123 8.82 9.32 -18.95
C GLY A 123 9.56 9.20 -17.63
N ASN A 124 10.20 8.06 -17.39
CA ASN A 124 10.99 7.89 -16.18
C ASN A 124 12.44 8.26 -16.45
N GLU A 125 13.20 8.42 -15.37
CA GLU A 125 14.61 8.75 -15.50
C GLU A 125 15.35 7.64 -16.23
N ILE A 126 16.35 8.04 -17.02
CA ILE A 126 17.02 7.14 -17.95
C ILE A 126 18.49 7.01 -17.55
N PRO A 127 18.93 5.87 -17.03
CA PRO A 127 20.36 5.69 -16.79
C PRO A 127 21.17 5.92 -18.05
N THR A 128 22.36 6.50 -17.86
CA THR A 128 23.12 7.05 -18.99
C THR A 128 23.80 5.97 -19.82
N HIS A 129 24.43 4.99 -19.18
CA HIS A 129 25.28 4.04 -19.87
C HIS A 129 24.51 2.72 -20.09
N SER A 130 24.89 2.01 -21.14
N SER A 130 24.93 1.98 -21.11
CA SER A 130 24.18 0.80 -21.55
CA SER A 130 24.20 0.81 -21.57
C SER A 130 24.88 -0.47 -21.08
C SER A 130 24.88 -0.49 -21.18
N LEU A 131 24.08 -1.44 -20.68
CA LEU A 131 24.54 -2.78 -20.35
C LEU A 131 24.19 -3.70 -21.53
N GLU A 132 25.20 -4.01 -22.32
CA GLU A 132 25.01 -4.85 -23.50
C GLU A 132 25.07 -6.33 -23.12
N GLY A 133 24.58 -7.18 -24.01
CA GLY A 133 24.68 -8.61 -23.81
C GLY A 133 23.61 -9.23 -22.94
N LEU A 134 22.49 -8.53 -22.75
CA LEU A 134 21.44 -8.99 -21.85
C LEU A 134 20.07 -9.07 -22.50
N SER A 135 19.98 -8.99 -23.83
CA SER A 135 18.66 -8.86 -24.46
C SER A 135 17.90 -10.19 -24.61
N SER A 136 18.57 -11.34 -24.50
CA SER A 136 17.95 -12.64 -24.68
CA SER A 136 17.95 -12.65 -24.68
C SER A 136 17.84 -13.35 -23.34
N SER A 137 16.67 -13.96 -23.08
N SER A 137 16.68 -13.94 -23.07
CA SER A 137 16.47 -14.71 -21.86
CA SER A 137 16.48 -14.63 -21.79
C SER A 137 17.61 -15.71 -21.65
C SER A 137 17.53 -15.73 -21.62
N GLY A 138 18.12 -15.77 -20.43
CA GLY A 138 19.23 -16.64 -20.12
C GLY A 138 20.59 -15.99 -20.21
N ASP A 139 20.67 -14.77 -20.74
CA ASP A 139 21.92 -14.06 -20.91
C ASP A 139 22.47 -13.58 -19.55
N ALA A 140 23.78 -13.72 -19.38
CA ALA A 140 24.46 -13.24 -18.19
C ALA A 140 25.73 -12.53 -18.62
N VAL A 141 26.06 -11.46 -17.90
CA VAL A 141 27.31 -10.75 -18.12
C VAL A 141 27.91 -10.38 -16.78
N ARG A 142 29.24 -10.28 -16.75
CA ARG A 142 29.91 -9.82 -15.54
C ARG A 142 29.87 -8.30 -15.46
N PHE A 143 29.67 -7.77 -14.24
CA PHE A 143 29.78 -6.32 -13.96
C PHE A 143 30.55 -6.17 -12.65
N GLY A 144 31.87 -6.22 -12.75
CA GLY A 144 32.72 -6.15 -11.58
C GLY A 144 32.42 -7.28 -10.62
N PRO A 145 32.06 -6.94 -9.38
CA PRO A 145 31.85 -7.95 -8.35
C PRO A 145 30.50 -8.65 -8.40
N VAL A 146 29.69 -8.40 -9.43
CA VAL A 146 28.43 -9.08 -9.58
C VAL A 146 28.32 -9.66 -10.98
N GLU A 147 27.38 -10.58 -11.14
CA GLU A 147 26.90 -11.04 -12.44
C GLU A 147 25.48 -10.52 -12.63
N LEU A 148 25.21 -9.99 -13.81
CA LEU A 148 23.86 -9.57 -14.18
C LEU A 148 23.24 -10.65 -15.06
N PHE A 149 21.96 -10.93 -14.83
CA PHE A 149 21.27 -12.01 -15.54
C PHE A 149 19.90 -11.53 -15.97
N TYR A 150 19.56 -11.77 -17.24
CA TYR A 150 18.24 -11.47 -17.76
C TYR A 150 17.45 -12.77 -17.80
N PRO A 151 16.50 -12.99 -16.88
CA PRO A 151 15.82 -14.30 -16.84
C PRO A 151 14.68 -14.47 -17.81
N GLY A 152 14.32 -13.42 -18.53
CA GLY A 152 13.08 -13.37 -19.28
C GLY A 152 12.10 -12.40 -18.62
N ALA A 153 11.03 -12.14 -19.35
CA ALA A 153 10.00 -11.23 -18.85
C ALA A 153 9.31 -11.83 -17.63
N ALA A 154 9.00 -10.98 -16.67
CA ALA A 154 8.37 -11.44 -15.43
C ALA A 154 7.57 -10.27 -14.86
N HIS A 155 8.08 -9.65 -13.79
CA HIS A 155 7.48 -8.42 -13.29
C HIS A 155 7.43 -7.36 -14.38
N SER A 156 8.46 -7.30 -15.21
CA SER A 156 8.51 -6.42 -16.37
C SER A 156 9.30 -7.13 -17.47
N THR A 157 9.23 -6.59 -18.69
CA THR A 157 9.90 -7.29 -19.77
CA THR A 157 9.90 -7.23 -19.82
C THR A 157 11.42 -7.14 -19.69
N ASP A 158 11.91 -6.15 -18.96
CA ASP A 158 13.32 -5.83 -18.88
C ASP A 158 13.98 -6.24 -17.57
N ASN A 159 13.24 -6.88 -16.66
CA ASN A 159 13.78 -7.07 -15.32
C ASN A 159 15.06 -7.90 -15.32
N LEU A 160 16.07 -7.41 -14.59
CA LEU A 160 17.32 -8.11 -14.38
C LEU A 160 17.40 -8.60 -12.94
N VAL A 161 18.16 -9.67 -12.74
CA VAL A 161 18.57 -10.07 -11.40
C VAL A 161 20.09 -9.96 -11.32
N VAL A 162 20.58 -9.86 -10.09
CA VAL A 162 21.98 -9.56 -9.79
C VAL A 162 22.48 -10.60 -8.80
N TYR A 163 23.60 -11.22 -9.12
CA TYR A 163 24.20 -12.20 -8.23
C TYR A 163 25.60 -11.75 -7.80
N VAL A 164 25.88 -11.91 -6.50
CA VAL A 164 27.18 -11.56 -5.93
C VAL A 164 27.87 -12.87 -5.62
N PRO A 165 28.75 -13.36 -6.49
CA PRO A 165 29.29 -14.72 -6.28
C PRO A 165 30.10 -14.87 -5.00
N SER A 166 30.84 -13.85 -4.58
CA SER A 166 31.65 -13.98 -3.38
C SER A 166 30.80 -14.18 -2.13
N ALA A 167 29.54 -13.75 -2.17
CA ALA A 167 28.70 -13.81 -0.98
C ALA A 167 27.49 -14.73 -1.15
N SER A 168 27.28 -15.29 -2.34
CA SER A 168 26.12 -16.13 -2.63
C SER A 168 24.82 -15.38 -2.39
N VAL A 169 24.80 -14.09 -2.74
CA VAL A 169 23.62 -13.25 -2.62
C VAL A 169 22.99 -13.07 -3.98
N LEU A 170 21.71 -13.41 -4.08
CA LEU A 170 20.93 -13.22 -5.29
C LEU A 170 19.91 -12.13 -5.02
N TYR A 171 20.04 -11.02 -5.74
CA TYR A 171 19.08 -9.92 -5.66
CA TYR A 171 19.09 -9.92 -5.67
C TYR A 171 18.09 -10.10 -6.80
N GLY A 172 16.85 -10.42 -6.46
CA GLY A 172 15.86 -10.70 -7.47
C GLY A 172 15.05 -9.51 -7.94
N GLY A 173 15.14 -8.38 -7.25
CA GLY A 173 14.33 -7.26 -7.66
C GLY A 173 12.85 -7.61 -7.63
N CYS A 174 12.08 -6.84 -8.40
CA CYS A 174 10.63 -6.94 -8.29
C CYS A 174 10.06 -8.20 -8.92
N ALA A 175 10.88 -8.98 -9.61
CA ALA A 175 10.46 -10.29 -10.09
C ALA A 175 10.32 -11.34 -8.99
N ILE A 176 10.85 -11.09 -7.79
CA ILE A 176 10.79 -12.03 -6.69
C ILE A 176 10.05 -11.37 -5.53
N TYR A 177 9.06 -12.07 -5.00
CA TYR A 177 8.25 -11.61 -3.89
C TYR A 177 8.74 -12.20 -2.56
N GLU A 178 8.57 -11.42 -1.50
CA GLU A 178 8.82 -11.93 -0.16
C GLU A 178 7.74 -12.92 0.22
N LEU A 179 8.05 -13.79 1.19
CA LEU A 179 7.16 -14.90 1.56
C LEU A 179 5.83 -14.40 2.13
N SER A 180 5.83 -13.27 2.82
CA SER A 180 4.59 -12.79 3.42
C SER A 180 3.65 -12.14 2.41
N ARG A 181 4.13 -11.87 1.19
CA ARG A 181 3.24 -11.39 0.12
C ARG A 181 2.52 -12.59 -0.48
N THR A 182 1.21 -12.65 -0.33
CA THR A 182 0.42 -13.79 -0.82
C THR A 182 -0.51 -13.41 -1.96
N SER A 183 -0.53 -12.15 -2.37
CA SER A 183 -1.27 -11.69 -3.53
CA SER A 183 -1.27 -11.70 -3.53
C SER A 183 -0.33 -10.84 -4.37
N ALA A 184 -0.66 -10.70 -5.64
CA ALA A 184 0.25 -10.01 -6.55
C ALA A 184 0.44 -8.55 -6.15
N GLY A 185 1.64 -8.06 -6.42
CA GLY A 185 1.95 -6.65 -6.28
C GLY A 185 1.55 -5.90 -7.54
N ASN A 186 2.32 -4.90 -7.92
CA ASN A 186 1.98 -4.19 -9.15
C ASN A 186 2.33 -5.03 -10.36
N VAL A 187 1.35 -5.27 -11.22
CA VAL A 187 1.54 -6.16 -12.37
C VAL A 187 1.15 -5.49 -13.68
N ALA A 188 1.06 -4.16 -13.68
CA ALA A 188 0.58 -3.46 -14.87
C ALA A 188 1.43 -3.78 -16.10
N ASP A 189 2.73 -3.89 -15.90
CA ASP A 189 3.68 -4.08 -17.01
C ASP A 189 4.25 -5.48 -17.03
N ALA A 190 3.65 -6.40 -16.30
CA ALA A 190 4.17 -7.75 -16.16
C ALA A 190 3.83 -8.63 -17.35
N ASP A 191 4.56 -9.73 -17.47
CA ASP A 191 4.25 -10.81 -18.42
C ASP A 191 3.87 -12.00 -17.54
N LEU A 192 2.59 -12.08 -17.19
CA LEU A 192 2.14 -13.16 -16.32
C LEU A 192 2.40 -14.52 -16.93
N ALA A 193 2.17 -14.65 -18.24
CA ALA A 193 2.33 -15.95 -18.89
C ALA A 193 3.76 -16.47 -18.80
N GLU A 194 4.75 -15.58 -18.82
CA GLU A 194 6.16 -15.99 -18.83
C GLU A 194 6.81 -15.98 -17.47
N TRP A 195 6.20 -15.35 -16.47
CA TRP A 195 6.89 -15.09 -15.22
C TRP A 195 7.36 -16.37 -14.54
N PRO A 196 6.54 -17.42 -14.41
CA PRO A 196 7.07 -18.66 -13.82
C PRO A 196 8.23 -19.27 -14.59
N THR A 197 8.18 -19.22 -15.93
CA THR A 197 9.30 -19.75 -16.73
C THR A 197 10.57 -18.96 -16.45
N SER A 198 10.45 -17.63 -16.35
CA SER A 198 11.61 -16.79 -16.03
C SER A 198 12.17 -17.09 -14.65
N ILE A 199 11.30 -17.32 -13.66
CA ILE A 199 11.75 -17.70 -12.33
C ILE A 199 12.51 -19.02 -12.39
N GLU A 200 12.03 -20.00 -13.16
CA GLU A 200 12.76 -21.27 -13.19
C GLU A 200 14.13 -21.09 -13.84
N ARG A 201 14.28 -20.15 -14.77
CA ARG A 201 15.62 -19.88 -15.30
C ARG A 201 16.55 -19.36 -14.21
N ILE A 202 16.02 -18.57 -13.27
CA ILE A 202 16.84 -18.08 -12.17
C ILE A 202 17.29 -19.25 -11.30
N GLN A 203 16.35 -20.13 -10.95
CA GLN A 203 16.70 -21.32 -10.18
C GLN A 203 17.78 -22.14 -10.88
N GLN A 204 17.66 -22.33 -12.20
CA GLN A 204 18.63 -23.18 -12.90
C GLN A 204 19.99 -22.53 -12.97
N HIS A 205 20.05 -21.20 -13.02
CA HIS A 205 21.31 -20.52 -13.16
C HIS A 205 22.02 -20.26 -11.82
N TYR A 206 21.26 -20.07 -10.73
CA TYR A 206 21.84 -19.73 -9.42
C TYR A 206 21.38 -20.68 -8.33
N PRO A 207 21.48 -22.00 -8.56
CA PRO A 207 21.03 -22.94 -7.53
C PRO A 207 21.84 -22.89 -6.25
N GLU A 208 23.03 -22.30 -6.28
CA GLU A 208 23.89 -22.18 -5.11
C GLU A 208 23.56 -20.96 -4.26
N ALA A 209 22.57 -20.15 -4.65
CA ALA A 209 22.32 -18.92 -3.90
C ALA A 209 21.87 -19.23 -2.48
N GLN A 210 22.40 -18.48 -1.51
CA GLN A 210 22.06 -18.67 -0.11
C GLN A 210 21.16 -17.58 0.45
N PHE A 211 21.26 -16.38 -0.08
CA PHE A 211 20.45 -15.24 0.34
C PHE A 211 19.76 -14.73 -0.92
N VAL A 212 18.44 -14.55 -0.84
CA VAL A 212 17.65 -14.05 -1.95
C VAL A 212 16.94 -12.81 -1.45
N ILE A 213 17.11 -11.70 -2.16
N ILE A 213 17.15 -11.70 -2.14
CA ILE A 213 16.58 -10.41 -1.74
CA ILE A 213 16.59 -10.41 -1.78
C ILE A 213 15.47 -10.00 -2.70
C ILE A 213 15.43 -10.10 -2.73
N PRO A 214 14.23 -9.86 -2.23
CA PRO A 214 13.14 -9.42 -3.11
C PRO A 214 13.20 -7.92 -3.30
N GLY A 215 12.49 -7.43 -4.32
CA GLY A 215 12.45 -6.00 -4.54
C GLY A 215 11.80 -5.24 -3.40
N HIS A 216 10.88 -5.90 -2.68
CA HIS A 216 10.17 -5.34 -1.55
C HIS A 216 10.07 -6.40 -0.46
N GLY A 217 10.50 -6.06 0.73
CA GLY A 217 10.26 -6.93 1.89
C GLY A 217 11.45 -7.75 2.33
N LEU A 218 11.14 -8.83 3.07
N LEU A 218 11.15 -8.83 3.04
CA LEU A 218 12.16 -9.54 3.82
CA LEU A 218 12.14 -9.54 3.85
C LEU A 218 12.97 -10.46 2.93
C LEU A 218 12.96 -10.52 3.02
N PRO A 219 14.30 -10.49 3.11
CA PRO A 219 15.10 -11.51 2.43
C PRO A 219 14.78 -12.90 2.93
N GLY A 220 15.15 -13.89 2.11
CA GLY A 220 15.05 -15.28 2.49
C GLY A 220 16.07 -16.07 1.70
N GLY A 221 15.69 -17.31 1.37
CA GLY A 221 16.49 -18.16 0.51
C GLY A 221 15.81 -18.40 -0.82
N LEU A 222 16.24 -19.47 -1.50
CA LEU A 222 15.69 -19.77 -2.80
C LEU A 222 14.22 -20.14 -2.74
N ASP A 223 13.70 -20.44 -1.55
CA ASP A 223 12.27 -20.73 -1.42
C ASP A 223 11.40 -19.55 -1.82
N LEU A 224 11.95 -18.34 -1.90
CA LEU A 224 11.18 -17.23 -2.41
C LEU A 224 10.77 -17.42 -3.87
N LEU A 225 11.51 -18.23 -4.63
CA LEU A 225 11.23 -18.38 -6.05
C LEU A 225 9.93 -19.14 -6.30
N LYS A 226 9.83 -20.37 -5.79
CA LYS A 226 8.59 -21.14 -5.94
C LYS A 226 7.42 -20.42 -5.28
N HIS A 227 7.66 -19.70 -4.19
CA HIS A 227 6.60 -18.91 -3.58
C HIS A 227 6.09 -17.85 -4.55
N THR A 228 6.98 -17.13 -5.22
CA THR A 228 6.56 -16.11 -6.17
C THR A 228 5.75 -16.73 -7.30
N THR A 229 6.21 -17.87 -7.83
CA THR A 229 5.45 -18.56 -8.85
C THR A 229 4.06 -18.89 -8.37
N ASN A 230 3.93 -19.37 -7.13
CA ASN A 230 2.60 -19.75 -6.66
CA ASN A 230 2.62 -19.74 -6.59
C ASN A 230 1.68 -18.52 -6.59
N VAL A 231 2.20 -17.38 -6.13
CA VAL A 231 1.40 -16.16 -6.07
C VAL A 231 1.04 -15.67 -7.47
N VAL A 232 2.00 -15.68 -8.39
CA VAL A 232 1.75 -15.23 -9.76
C VAL A 232 0.73 -16.13 -10.46
N LYS A 233 0.82 -17.44 -10.25
CA LYS A 233 -0.15 -18.36 -10.85
C LYS A 233 -1.54 -18.11 -10.29
N ALA A 234 -1.63 -17.84 -8.99
CA ALA A 234 -2.94 -17.55 -8.41
C ALA A 234 -3.54 -16.28 -9.00
N HIS A 235 -2.70 -15.27 -9.22
CA HIS A 235 -3.21 -14.04 -9.83
C HIS A 235 -3.64 -14.29 -11.27
N THR A 236 -2.83 -15.06 -12.00
CA THR A 236 -3.17 -15.44 -13.37
C THR A 236 -4.58 -16.01 -13.43
N ASN A 237 -4.98 -16.76 -12.40
CA ASN A 237 -6.26 -17.44 -12.38
C ASN A 237 -7.36 -16.62 -11.72
N ARG A 238 -7.14 -15.34 -11.48
CA ARG A 238 -8.13 -14.52 -10.80
C ARG A 238 -9.49 -14.51 -11.50
N SER A 239 -10.54 -14.38 -10.70
N GLY B 7 1.95 17.94 6.51
CA GLY B 7 0.58 18.39 6.66
C GLY B 7 0.07 18.16 8.06
N GLU B 8 -1.18 18.55 8.33
CA GLU B 8 -1.74 18.37 9.66
C GLU B 8 -2.50 17.06 9.83
N TYR B 9 -3.11 16.51 8.77
CA TYR B 9 -3.75 15.20 8.87
C TYR B 9 -2.67 14.13 8.95
N PRO B 10 -2.76 13.18 9.89
CA PRO B 10 -1.67 12.21 10.03
C PRO B 10 -1.67 11.20 8.88
N THR B 11 -0.47 10.76 8.52
CA THR B 11 -0.26 9.77 7.48
C THR B 11 0.40 8.54 8.10
N VAL B 12 0.55 7.48 7.30
CA VAL B 12 1.16 6.24 7.79
C VAL B 12 2.48 6.52 8.50
N SER B 13 3.32 7.39 7.93
CA SER B 13 4.65 7.61 8.47
C SER B 13 4.63 8.21 9.86
N GLU B 14 3.49 8.74 10.30
CA GLU B 14 3.35 9.31 11.63
CA GLU B 14 3.34 9.32 11.62
C GLU B 14 2.62 8.40 12.60
N ILE B 15 2.14 7.25 12.15
CA ILE B 15 1.37 6.36 13.01
C ILE B 15 2.00 4.98 13.06
N PRO B 16 2.63 4.61 14.17
CA PRO B 16 3.21 3.27 14.28
C PRO B 16 2.15 2.19 14.44
N VAL B 17 2.64 0.95 14.28
CA VAL B 17 1.93 -0.28 14.55
C VAL B 17 1.11 -0.13 15.81
N GLY B 18 -0.20 -0.25 15.69
CA GLY B 18 -1.04 -0.40 16.86
C GLY B 18 -1.35 0.86 17.60
N GLU B 19 -0.98 2.03 17.07
CA GLU B 19 -1.38 3.29 17.65
C GLU B 19 -2.50 3.91 16.84
N VAL B 20 -3.25 4.78 17.47
CA VAL B 20 -4.38 5.44 16.84
C VAL B 20 -4.28 6.93 17.11
N ARG B 21 -4.57 7.74 16.11
N ARG B 21 -4.57 7.73 16.10
CA ARG B 21 -4.61 9.18 16.27
CA ARG B 21 -4.63 9.17 16.19
C ARG B 21 -6.04 9.67 16.08
C ARG B 21 -6.08 9.61 16.14
N LEU B 22 -6.37 10.75 16.77
CA LEU B 22 -7.67 11.41 16.64
C LEU B 22 -7.42 12.76 16.00
N TYR B 23 -8.32 13.16 15.10
CA TYR B 23 -8.20 14.42 14.38
C TYR B 23 -9.54 15.15 14.44
N GLN B 24 -9.54 16.33 15.03
CA GLN B 24 -10.80 17.06 15.18
C GLN B 24 -11.15 17.74 13.86
N ILE B 25 -12.29 17.35 13.30
N ILE B 25 -12.29 17.37 13.29
CA ILE B 25 -12.76 17.89 12.02
CA ILE B 25 -12.75 17.91 12.02
C ILE B 25 -13.57 19.17 12.23
C ILE B 25 -13.57 19.18 12.23
N ALA B 26 -14.37 19.20 13.29
CA ALA B 26 -15.29 20.29 13.59
C ALA B 26 -15.67 20.09 15.05
N ASP B 27 -16.39 21.05 15.61
CA ASP B 27 -16.86 20.90 16.99
C ASP B 27 -17.62 19.59 17.15
N GLY B 28 -17.14 18.75 18.07
CA GLY B 28 -17.82 17.50 18.38
C GLY B 28 -17.70 16.41 17.34
N VAL B 29 -16.81 16.56 16.36
CA VAL B 29 -16.62 15.57 15.31
C VAL B 29 -15.13 15.33 15.13
N TRP B 30 -14.72 14.08 15.26
CA TRP B 30 -13.32 13.69 15.04
C TRP B 30 -13.28 12.56 14.04
N SER B 31 -12.18 12.45 13.31
CA SER B 31 -11.87 11.17 12.68
C SER B 31 -10.89 10.42 13.57
N HIS B 32 -10.91 9.09 13.46
CA HIS B 32 -9.87 8.26 14.04
C HIS B 32 -9.08 7.62 12.92
N ILE B 33 -7.76 7.59 13.09
CA ILE B 33 -6.85 7.14 12.05
C ILE B 33 -5.96 6.05 12.64
N ALA B 34 -5.93 4.90 11.98
CA ALA B 34 -5.09 3.78 12.36
C ALA B 34 -4.36 3.30 11.11
N THR B 35 -3.47 2.33 11.29
CA THR B 35 -2.79 1.71 10.16
C THR B 35 -2.84 0.20 10.29
N GLN B 36 -2.74 -0.47 9.15
CA GLN B 36 -2.76 -1.92 9.15
C GLN B 36 -1.93 -2.38 7.97
N SER B 37 -1.32 -3.56 8.15
N SER B 37 -1.30 -3.53 8.14
CA SER B 37 -0.37 -4.11 7.20
CA SER B 37 -0.54 -4.11 7.05
C SER B 37 -0.95 -5.33 6.51
C SER B 37 -1.51 -4.83 6.12
N PHE B 38 -0.85 -5.33 5.17
N PHE B 38 -1.35 -4.60 4.81
CA PHE B 38 -1.41 -6.44 4.36
CA PHE B 38 -2.22 -5.25 3.83
C PHE B 38 -0.46 -6.77 3.19
C PHE B 38 -1.55 -5.24 2.46
N ASP B 39 0.10 -7.97 3.23
N ASP B 39 -1.55 -6.39 1.80
CA ASP B 39 1.02 -8.46 2.21
CA ASP B 39 -1.09 -6.51 0.42
C ASP B 39 2.29 -7.63 2.09
C ASP B 39 0.28 -5.86 0.20
N GLY B 40 2.67 -6.93 3.16
N GLY B 40 1.23 -6.23 1.07
CA GLY B 40 3.94 -6.22 3.20
CA GLY B 40 2.60 -5.76 0.98
C GLY B 40 3.87 -4.70 3.10
C GLY B 40 2.81 -4.33 1.38
N ALA B 41 2.71 -4.13 2.80
N ALA B 41 1.77 -3.63 1.79
CA ALA B 41 2.53 -2.68 2.71
CA ALA B 41 1.91 -2.24 2.18
C ALA B 41 1.62 -2.21 3.85
C ALA B 41 1.33 -2.06 3.56
N VAL B 42 1.58 -0.89 4.09
CA VAL B 42 0.85 -0.36 5.25
C VAL B 42 -0.16 0.66 4.75
N TYR B 43 -1.39 0.50 5.16
CA TYR B 43 -2.48 1.37 4.77
C TYR B 43 -3.00 2.14 5.95
N PRO B 44 -3.35 3.42 5.75
CA PRO B 44 -4.10 4.14 6.77
C PRO B 44 -5.58 3.82 6.62
N SER B 45 -6.33 4.06 7.69
CA SER B 45 -7.77 3.81 7.66
C SER B 45 -8.44 4.76 8.63
N ASN B 46 -9.58 5.31 8.21
CA ASN B 46 -10.31 6.30 8.97
C ASN B 46 -11.64 5.77 9.47
N GLY B 47 -12.03 6.24 10.65
CA GLY B 47 -13.41 6.18 11.09
C GLY B 47 -13.81 7.54 11.66
N LEU B 48 -14.97 7.60 12.33
CA LEU B 48 -15.51 8.84 12.84
C LEU B 48 -15.91 8.69 14.29
N ILE B 49 -15.87 9.81 15.02
CA ILE B 49 -16.39 9.90 16.37
C ILE B 49 -17.26 11.15 16.43
N VAL B 50 -18.48 11.02 16.93
CA VAL B 50 -19.42 12.14 16.98
C VAL B 50 -19.95 12.28 18.40
N ARG B 51 -19.76 13.46 18.98
CA ARG B 51 -20.31 13.71 20.31
C ARG B 51 -21.82 13.78 20.22
N ASP B 52 -22.48 13.14 21.18
CA ASP B 52 -23.93 13.23 21.32
C ASP B 52 -24.22 13.57 22.78
N GLY B 53 -24.28 14.86 23.07
CA GLY B 53 -24.42 15.28 24.45
C GLY B 53 -23.22 14.91 25.28
N ASP B 54 -23.43 14.02 26.25
CA ASP B 54 -22.36 13.59 27.13
C ASP B 54 -21.86 12.19 26.80
N GLU B 55 -22.21 11.67 25.62
CA GLU B 55 -21.77 10.39 25.16
C GLU B 55 -21.17 10.56 23.77
N LEU B 56 -20.56 9.48 23.26
CA LEU B 56 -19.99 9.48 21.93
C LEU B 56 -20.59 8.35 21.10
N LEU B 57 -20.78 8.64 19.81
CA LEU B 57 -21.08 7.63 18.80
C LEU B 57 -19.84 7.36 17.99
N LEU B 58 -19.48 6.09 17.83
CA LEU B 58 -18.34 5.67 17.05
C LEU B 58 -18.81 5.14 15.71
N ILE B 59 -18.14 5.56 14.64
CA ILE B 59 -18.38 5.02 13.31
C ILE B 59 -17.13 4.23 12.92
N ASP B 60 -17.30 2.91 12.80
CA ASP B 60 -16.28 1.97 12.32
C ASP B 60 -15.20 1.65 13.35
N THR B 61 -14.75 0.41 13.35
CA THR B 61 -13.60 0.03 14.15
C THR B 61 -12.33 0.62 13.55
N ALA B 62 -11.20 0.38 14.22
CA ALA B 62 -9.91 0.80 13.73
C ALA B 62 -9.13 -0.33 13.05
N TRP B 63 -9.84 -1.30 12.45
CA TRP B 63 -9.23 -2.33 11.61
C TRP B 63 -8.37 -3.27 12.43
N GLY B 64 -9.03 -4.02 13.33
CA GLY B 64 -8.39 -5.04 14.12
C GLY B 64 -8.59 -4.87 15.61
N ALA B 65 -8.39 -5.97 16.34
CA ALA B 65 -8.61 -5.96 17.78
C ALA B 65 -7.64 -5.02 18.48
N LYS B 66 -6.35 -5.15 18.20
CA LYS B 66 -5.34 -4.34 18.88
C LYS B 66 -5.55 -2.86 18.59
N ASN B 67 -5.74 -2.49 17.32
CA ASN B 67 -5.98 -1.09 16.98
C ASN B 67 -7.25 -0.56 17.67
N THR B 68 -8.31 -1.37 17.71
CA THR B 68 -9.57 -0.92 18.29
C THR B 68 -9.45 -0.76 19.81
N ALA B 69 -8.71 -1.64 20.48
CA ALA B 69 -8.42 -1.41 21.90
C ALA B 69 -7.66 -0.11 22.09
N ALA B 70 -6.67 0.15 21.23
CA ALA B 70 -5.94 1.41 21.30
C ALA B 70 -6.85 2.61 21.04
N LEU B 71 -7.79 2.46 20.10
CA LEU B 71 -8.75 3.53 19.83
C LEU B 71 -9.56 3.86 21.08
N LEU B 72 -10.12 2.86 21.74
CA LEU B 72 -10.90 3.14 22.95
C LEU B 72 -10.04 3.83 24.00
N ALA B 73 -8.77 3.40 24.13
CA ALA B 73 -7.91 4.01 25.14
C ALA B 73 -7.62 5.47 24.79
N GLU B 74 -7.41 5.76 23.50
CA GLU B 74 -7.14 7.13 23.09
C GLU B 74 -8.37 8.01 23.25
N ILE B 75 -9.56 7.49 22.95
CA ILE B 75 -10.80 8.25 23.17
C ILE B 75 -10.93 8.60 24.64
N GLU B 76 -10.68 7.61 25.52
CA GLU B 76 -10.85 7.87 26.94
C GLU B 76 -9.84 8.89 27.43
N LYS B 77 -8.60 8.81 26.94
CA LYS B 77 -7.56 9.74 27.34
C LYS B 77 -7.84 11.16 26.85
N GLN B 78 -8.19 11.30 25.57
CA GLN B 78 -8.26 12.62 24.98
C GLN B 78 -9.63 13.28 25.10
N ILE B 79 -10.70 12.50 25.08
CA ILE B 79 -12.05 13.04 25.10
C ILE B 79 -12.74 12.77 26.43
N GLY B 80 -12.65 11.55 26.93
CA GLY B 80 -13.13 11.28 28.28
C GLY B 80 -14.63 11.17 28.41
N LEU B 81 -15.33 10.87 27.32
CA LEU B 81 -16.76 10.62 27.32
C LEU B 81 -16.97 9.19 26.84
N PRO B 82 -18.01 8.52 27.33
CA PRO B 82 -18.18 7.10 26.99
C PRO B 82 -18.67 6.91 25.57
N VAL B 83 -18.12 5.87 24.94
CA VAL B 83 -18.56 5.42 23.62
C VAL B 83 -19.71 4.45 23.89
N THR B 84 -20.94 4.90 23.67
CA THR B 84 -22.06 4.05 24.03
C THR B 84 -22.56 3.20 22.87
N ARG B 85 -22.36 3.64 21.64
CA ARG B 85 -22.82 2.91 20.47
C ARG B 85 -21.79 3.04 19.36
N ALA B 86 -21.75 2.03 18.50
CA ALA B 86 -20.91 2.05 17.32
C ALA B 86 -21.70 1.52 16.13
N VAL B 87 -21.43 2.10 14.95
CA VAL B 87 -22.01 1.66 13.69
C VAL B 87 -20.88 1.27 12.76
N SER B 88 -20.97 0.07 12.15
CA SER B 88 -20.02 -0.34 11.12
C SER B 88 -20.67 -0.10 9.77
N THR B 89 -19.92 0.53 8.86
CA THR B 89 -20.49 0.98 7.59
C THR B 89 -20.44 -0.05 6.47
N HIS B 90 -19.70 -1.16 6.63
CA HIS B 90 -19.87 -2.33 5.78
C HIS B 90 -19.18 -3.50 6.47
N PHE B 91 -19.18 -4.66 5.80
CA PHE B 91 -18.87 -5.92 6.47
C PHE B 91 -17.40 -6.29 6.51
N HIS B 92 -16.52 -5.54 5.86
CA HIS B 92 -15.12 -5.89 5.82
C HIS B 92 -14.40 -5.55 7.12
N ASP B 93 -13.17 -6.04 7.24
CA ASP B 93 -12.46 -6.03 8.52
C ASP B 93 -12.00 -4.65 8.94
N ASP B 94 -11.81 -3.71 8.00
CA ASP B 94 -11.50 -2.34 8.41
C ASP B 94 -12.71 -1.63 9.02
N ARG B 95 -13.88 -2.28 9.05
CA ARG B 95 -15.10 -1.71 9.60
C ARG B 95 -15.67 -2.50 10.76
N VAL B 96 -15.57 -3.83 10.73
CA VAL B 96 -16.04 -4.69 11.81
C VAL B 96 -14.93 -5.37 12.59
N GLY B 97 -13.69 -5.29 12.11
CA GLY B 97 -12.59 -5.97 12.80
C GLY B 97 -12.29 -5.20 14.07
N GLY B 98 -12.58 -5.79 15.23
CA GLY B 98 -12.58 -5.08 16.49
C GLY B 98 -13.94 -4.94 17.12
N VAL B 99 -15.00 -5.38 16.45
CA VAL B 99 -16.32 -5.35 17.07
C VAL B 99 -16.34 -6.14 18.37
N ASP B 100 -15.62 -7.26 18.44
CA ASP B 100 -15.62 -8.04 19.67
C ASP B 100 -15.00 -7.23 20.82
N VAL B 101 -13.96 -6.45 20.51
CA VAL B 101 -13.34 -5.58 21.52
C VAL B 101 -14.33 -4.52 21.98
N LEU B 102 -15.02 -3.88 21.03
CA LEU B 102 -16.03 -2.91 21.40
C LEU B 102 -17.08 -3.52 22.32
N ARG B 103 -17.61 -4.67 21.92
CA ARG B 103 -18.65 -5.35 22.70
C ARG B 103 -18.15 -5.71 24.10
N ALA B 104 -16.93 -6.22 24.21
CA ALA B 104 -16.40 -6.55 25.53
C ALA B 104 -16.29 -5.32 26.42
N ALA B 105 -16.07 -4.14 25.82
CA ALA B 105 -15.91 -2.89 26.54
C ALA B 105 -17.23 -2.22 26.89
N GLY B 106 -18.35 -2.81 26.50
CA GLY B 106 -19.65 -2.27 26.83
C GLY B 106 -20.27 -1.40 25.77
N VAL B 107 -19.67 -1.34 24.60
CA VAL B 107 -20.21 -0.56 23.49
C VAL B 107 -21.29 -1.38 22.81
N ALA B 108 -22.45 -0.77 22.60
CA ALA B 108 -23.51 -1.41 21.81
C ALA B 108 -23.17 -1.26 20.31
N THR B 109 -23.01 -2.39 19.62
CA THR B 109 -22.57 -2.39 18.22
C THR B 109 -23.74 -2.62 17.28
N TYR B 110 -23.71 -1.91 16.16
CA TYR B 110 -24.81 -1.85 15.21
C TYR B 110 -24.30 -1.96 13.78
N ALA B 111 -25.13 -2.54 12.92
CA ALA B 111 -24.91 -2.49 11.48
C ALA B 111 -26.22 -2.83 10.81
N SER B 112 -26.31 -2.59 9.51
CA SER B 112 -27.51 -2.99 8.81
C SER B 112 -27.64 -4.51 8.81
N PRO B 113 -28.86 -5.03 8.62
CA PRO B 113 -28.99 -6.50 8.50
C PRO B 113 -28.22 -7.04 7.31
N SER B 114 -28.09 -6.25 6.24
CA SER B 114 -27.30 -6.67 5.10
C SER B 114 -25.84 -6.86 5.47
N THR B 115 -25.28 -5.89 6.19
CA THR B 115 -23.90 -5.99 6.66
C THR B 115 -23.72 -7.16 7.62
N ARG B 116 -24.65 -7.34 8.56
CA ARG B 116 -24.50 -8.44 9.51
C ARG B 116 -24.47 -9.79 8.80
N ARG B 117 -25.32 -9.95 7.79
CA ARG B 117 -25.35 -11.20 7.05
C ARG B 117 -24.06 -11.42 6.27
N LEU B 118 -23.59 -10.40 5.57
CA LEU B 118 -22.35 -10.55 4.81
C LEU B 118 -21.16 -10.79 5.73
N ALA B 119 -21.14 -10.15 6.91
CA ALA B 119 -20.05 -10.39 7.84
C ALA B 119 -20.06 -11.85 8.28
N GLU B 120 -21.25 -12.38 8.53
CA GLU B 120 -21.35 -13.77 8.95
C GLU B 120 -20.83 -14.71 7.88
N VAL B 121 -21.23 -14.47 6.63
CA VAL B 121 -20.77 -15.31 5.52
C VAL B 121 -19.26 -15.27 5.41
N GLU B 122 -18.66 -14.10 5.65
CA GLU B 122 -17.23 -13.89 5.53
C GLU B 122 -16.45 -14.46 6.72
N GLY B 123 -17.15 -14.89 7.78
CA GLY B 123 -16.50 -15.28 9.01
C GLY B 123 -15.96 -14.13 9.83
N ASN B 124 -16.44 -12.91 9.58
CA ASN B 124 -15.94 -11.75 10.29
C ASN B 124 -16.77 -11.55 11.55
N GLU B 125 -16.37 -10.57 12.35
CA GLU B 125 -17.09 -10.21 13.55
C GLU B 125 -18.39 -9.55 13.17
N ILE B 126 -19.41 -9.77 14.01
CA ILE B 126 -20.78 -9.43 13.66
C ILE B 126 -21.35 -8.47 14.72
N PRO B 127 -21.64 -7.23 14.34
CA PRO B 127 -22.30 -6.31 15.28
C PRO B 127 -23.58 -6.92 15.85
N THR B 128 -23.90 -6.53 17.09
CA THR B 128 -25.04 -7.08 17.80
C THR B 128 -26.36 -6.67 17.18
N HIS B 129 -26.57 -5.37 16.99
CA HIS B 129 -27.87 -4.81 16.66
C HIS B 129 -28.00 -4.59 15.16
N SER B 130 -29.24 -4.68 14.68
N SER B 130 -29.24 -4.65 14.67
CA SER B 130 -29.58 -4.49 13.27
CA SER B 130 -29.53 -4.49 13.25
C SER B 130 -30.27 -3.14 13.07
C SER B 130 -30.30 -3.21 13.00
N LEU B 131 -29.78 -2.37 12.11
CA LEU B 131 -30.36 -1.07 11.79
C LEU B 131 -31.41 -1.21 10.69
N GLU B 132 -32.67 -0.93 11.03
CA GLU B 132 -33.74 -0.97 10.05
C GLU B 132 -33.75 0.30 9.23
N GLY B 133 -34.47 0.24 8.11
CA GLY B 133 -34.72 1.42 7.31
C GLY B 133 -33.63 1.78 6.33
N LEU B 134 -32.73 0.86 6.02
CA LEU B 134 -31.58 1.15 5.15
C LEU B 134 -31.45 0.14 4.02
N SER B 135 -32.55 -0.54 3.66
CA SER B 135 -32.44 -1.66 2.74
C SER B 135 -32.45 -1.24 1.26
N SER B 136 -32.94 -0.05 0.93
CA SER B 136 -33.11 0.35 -0.46
C SER B 136 -32.30 1.60 -0.75
N SER B 137 -31.73 1.66 -1.94
N SER B 137 -31.69 1.65 -1.92
CA SER B 137 -30.92 2.81 -2.34
CA SER B 137 -30.84 2.78 -2.26
C SER B 137 -31.68 4.10 -2.09
C SER B 137 -31.63 4.08 -2.12
N GLY B 138 -31.01 5.06 -1.46
CA GLY B 138 -31.62 6.33 -1.15
C GLY B 138 -32.26 6.42 0.22
N ASP B 139 -32.30 5.31 0.96
CA ASP B 139 -32.90 5.30 2.29
C ASP B 139 -31.98 5.99 3.29
N ALA B 140 -32.59 6.71 4.22
CA ALA B 140 -31.86 7.41 5.26
C ALA B 140 -32.60 7.25 6.58
N VAL B 141 -31.83 7.17 7.66
CA VAL B 141 -32.39 7.18 9.00
C VAL B 141 -31.48 7.98 9.91
N ARG B 142 -32.07 8.64 10.91
N ARG B 142 -32.09 8.63 10.90
CA ARG B 142 -31.29 9.33 11.92
CA ARG B 142 -31.35 9.29 11.96
C ARG B 142 -30.91 8.36 13.03
C ARG B 142 -30.86 8.23 12.95
N PHE B 143 -29.66 8.45 13.47
CA PHE B 143 -29.11 7.59 14.54
C PHE B 143 -28.35 8.54 15.46
N GLY B 144 -29.00 8.97 16.53
CA GLY B 144 -28.37 9.93 17.40
C GLY B 144 -28.03 11.19 16.65
N PRO B 145 -26.76 11.62 16.73
CA PRO B 145 -26.37 12.89 16.11
C PRO B 145 -26.05 12.79 14.62
N VAL B 146 -26.22 11.63 14.00
CA VAL B 146 -25.91 11.50 12.58
C VAL B 146 -27.12 11.04 11.81
N GLU B 147 -27.03 11.20 10.49
CA GLU B 147 -27.91 10.52 9.54
C GLU B 147 -27.12 9.41 8.85
N LEU B 148 -27.70 8.22 8.79
CA LEU B 148 -27.15 7.10 8.05
C LEU B 148 -27.87 7.02 6.70
N PHE B 149 -27.10 6.80 5.63
CA PHE B 149 -27.63 6.83 4.27
C PHE B 149 -27.10 5.61 3.53
N TYR B 150 -28.01 4.86 2.89
CA TYR B 150 -27.61 3.76 2.04
C TYR B 150 -27.68 4.26 0.61
N PRO B 151 -26.56 4.54 -0.04
CA PRO B 151 -26.61 5.16 -1.38
C PRO B 151 -26.85 4.18 -2.50
N GLY B 152 -26.87 2.88 -2.21
CA GLY B 152 -26.76 1.84 -3.21
C GLY B 152 -25.39 1.17 -3.16
N ALA B 153 -25.27 0.08 -3.90
CA ALA B 153 -24.03 -0.69 -3.93
C ALA B 153 -22.91 0.13 -4.55
N ALA B 154 -21.70 -0.05 -4.03
CA ALA B 154 -20.54 0.69 -4.52
C ALA B 154 -19.29 -0.13 -4.24
N HIS B 155 -18.48 0.30 -3.27
CA HIS B 155 -17.35 -0.52 -2.82
C HIS B 155 -17.80 -1.88 -2.34
N SER B 156 -18.99 -1.96 -1.73
CA SER B 156 -19.65 -3.21 -1.36
C SER B 156 -21.14 -3.02 -1.52
N THR B 157 -21.89 -4.11 -1.48
CA THR B 157 -23.32 -3.95 -1.73
C THR B 157 -24.04 -3.34 -0.54
N ASP B 158 -23.41 -3.39 0.64
CA ASP B 158 -24.00 -2.95 1.90
C ASP B 158 -23.49 -1.60 2.39
N ASN B 159 -22.60 -0.93 1.66
CA ASN B 159 -21.91 0.21 2.24
C ASN B 159 -22.87 1.36 2.58
N LEU B 160 -22.67 1.91 3.77
CA LEU B 160 -23.39 3.09 4.25
C LEU B 160 -22.45 4.28 4.27
N VAL B 161 -23.04 5.48 4.19
CA VAL B 161 -22.32 6.71 4.47
C VAL B 161 -23.02 7.39 5.63
N VAL B 162 -22.30 8.32 6.27
CA VAL B 162 -22.76 8.93 7.51
C VAL B 162 -22.61 10.43 7.37
N TYR B 163 -23.66 11.17 7.73
CA TYR B 163 -23.63 12.63 7.65
C TYR B 163 -23.87 13.21 9.04
N VAL B 164 -23.08 14.22 9.40
CA VAL B 164 -23.25 14.93 10.67
C VAL B 164 -23.84 16.30 10.36
N PRO B 165 -25.14 16.49 10.52
CA PRO B 165 -25.74 17.75 10.02
C PRO B 165 -25.27 18.99 10.77
N SER B 166 -24.96 18.89 12.07
CA SER B 166 -24.53 20.05 12.82
C SER B 166 -23.21 20.60 12.33
N ALA B 167 -22.39 19.78 11.70
CA ALA B 167 -21.06 20.18 11.27
C ALA B 167 -20.84 20.09 9.77
N SER B 168 -21.83 19.62 9.00
CA SER B 168 -21.69 19.46 7.56
C SER B 168 -20.53 18.53 7.19
N VAL B 169 -20.38 17.45 7.96
CA VAL B 169 -19.33 16.45 7.74
C VAL B 169 -19.96 15.20 7.14
N LEU B 170 -19.45 14.80 5.97
CA LEU B 170 -19.88 13.59 5.30
C LEU B 170 -18.75 12.57 5.39
N TYR B 171 -19.05 11.44 6.02
CA TYR B 171 -18.11 10.33 6.10
CA TYR B 171 -18.12 10.32 6.11
C TYR B 171 -18.52 9.31 5.04
N GLY B 172 -17.67 9.14 4.05
CA GLY B 172 -18.01 8.29 2.93
C GLY B 172 -17.61 6.83 3.08
N GLY B 173 -16.77 6.53 4.06
CA GLY B 173 -16.25 5.18 4.15
C GLY B 173 -15.58 4.76 2.85
N CYS B 174 -15.57 3.46 2.61
CA CYS B 174 -14.75 2.94 1.51
C CYS B 174 -15.38 3.14 0.15
N ALA B 175 -16.60 3.63 0.09
CA ALA B 175 -17.20 4.01 -1.18
C ALA B 175 -16.61 5.29 -1.75
N ILE B 176 -15.87 6.07 -0.96
CA ILE B 176 -15.27 7.32 -1.42
C ILE B 176 -13.76 7.21 -1.27
N TYR B 177 -13.05 7.46 -2.36
CA TYR B 177 -11.60 7.41 -2.38
C TYR B 177 -10.99 8.78 -2.10
N GLU B 178 -9.85 8.77 -1.42
CA GLU B 178 -9.02 9.96 -1.33
C GLU B 178 -8.42 10.32 -2.70
N LEU B 179 -8.06 11.60 -2.85
CA LEU B 179 -7.58 12.07 -4.14
C LEU B 179 -6.29 11.38 -4.59
N SER B 180 -5.41 11.04 -3.64
N SER B 180 -5.41 11.02 -3.65
CA SER B 180 -4.14 10.43 -4.00
CA SER B 180 -4.14 10.42 -4.02
C SER B 180 -4.33 9.08 -4.68
C SER B 180 -4.26 9.01 -4.56
N ARG B 181 -5.42 8.38 -4.37
N ARG B 181 -5.45 8.40 -4.48
CA ARG B 181 -5.71 7.11 -5.02
CA ARG B 181 -5.67 7.08 -5.04
C ARG B 181 -6.23 7.40 -6.43
C ARG B 181 -6.28 7.25 -6.43
N THR B 182 -5.47 7.02 -7.46
CA THR B 182 -5.90 7.20 -8.83
C THR B 182 -6.19 5.87 -9.53
N SER B 183 -6.08 4.74 -8.84
CA SER B 183 -6.45 3.45 -9.38
C SER B 183 -7.32 2.71 -8.37
N ALA B 184 -8.06 1.72 -8.85
CA ALA B 184 -9.03 1.05 -7.98
C ALA B 184 -8.34 0.36 -6.79
N GLY B 185 -9.02 0.40 -5.65
CA GLY B 185 -8.59 -0.27 -4.44
C GLY B 185 -9.05 -1.70 -4.42
N ASN B 186 -9.35 -2.18 -3.21
N ASN B 186 -9.36 -2.20 -3.21
CA ASN B 186 -9.95 -3.50 -3.04
CA ASN B 186 -9.91 -3.54 -3.08
C ASN B 186 -11.37 -3.44 -3.58
C ASN B 186 -11.34 -3.51 -3.55
N VAL B 187 -11.60 -4.06 -4.73
CA VAL B 187 -12.91 -4.03 -5.35
C VAL B 187 -13.48 -5.43 -5.57
N ALA B 188 -12.96 -6.42 -4.85
CA ALA B 188 -13.41 -7.79 -5.03
C ALA B 188 -14.91 -7.94 -4.78
N ASP B 189 -15.47 -7.17 -3.85
CA ASP B 189 -16.88 -7.28 -3.48
C ASP B 189 -17.69 -6.09 -3.98
N ALA B 190 -17.13 -5.33 -4.91
CA ALA B 190 -17.76 -4.10 -5.36
C ALA B 190 -18.82 -4.37 -6.43
N ASP B 191 -19.70 -3.39 -6.60
CA ASP B 191 -20.62 -3.32 -7.73
C ASP B 191 -20.14 -2.15 -8.60
N LEU B 192 -19.20 -2.43 -9.49
CA LEU B 192 -18.66 -1.37 -10.34
C LEU B 192 -19.74 -0.74 -11.18
N ALA B 193 -20.71 -1.54 -11.63
CA ALA B 193 -21.74 -1.03 -12.52
C ALA B 193 -22.59 0.03 -11.83
N GLU B 194 -22.83 -0.11 -10.52
CA GLU B 194 -23.70 0.78 -9.77
C GLU B 194 -22.97 1.87 -9.01
N TRP B 195 -21.66 1.76 -8.85
CA TRP B 195 -20.94 2.66 -7.96
C TRP B 195 -21.08 4.13 -8.36
N PRO B 196 -20.94 4.52 -9.63
CA PRO B 196 -21.15 5.93 -9.97
C PRO B 196 -22.56 6.42 -9.68
N THR B 197 -23.57 5.56 -9.91
CA THR B 197 -24.94 5.96 -9.60
C THR B 197 -25.12 6.18 -8.10
N SER B 198 -24.53 5.30 -7.29
CA SER B 198 -24.61 5.46 -5.84
C SER B 198 -23.90 6.74 -5.41
N ILE B 199 -22.76 7.04 -6.02
CA ILE B 199 -22.07 8.29 -5.66
C ILE B 199 -22.96 9.47 -5.99
N GLU B 200 -23.61 9.46 -7.15
CA GLU B 200 -24.49 10.58 -7.50
C GLU B 200 -25.62 10.72 -6.48
N ARG B 201 -26.11 9.62 -5.89
CA ARG B 201 -27.15 9.75 -4.87
C ARG B 201 -26.62 10.48 -3.64
N ILE B 202 -25.36 10.21 -3.27
CA ILE B 202 -24.73 10.94 -2.17
C ILE B 202 -24.67 12.43 -2.49
N GLN B 203 -24.22 12.78 -3.69
CA GLN B 203 -24.15 14.18 -4.07
C GLN B 203 -25.51 14.85 -4.01
N GLN B 204 -26.54 14.15 -4.50
CA GLN B 204 -27.87 14.74 -4.51
CA GLN B 204 -27.89 14.71 -4.51
C GLN B 204 -28.42 14.94 -3.10
N HIS B 205 -28.06 14.05 -2.16
CA HIS B 205 -28.60 14.09 -0.80
C HIS B 205 -27.81 15.03 0.12
N TYR B 206 -26.51 15.20 -0.12
CA TYR B 206 -25.66 16.02 0.77
C TYR B 206 -24.87 17.07 0.00
N PRO B 207 -25.55 17.88 -0.84
CA PRO B 207 -24.81 18.86 -1.65
C PRO B 207 -24.16 19.95 -0.81
N GLU B 208 -24.60 20.13 0.43
CA GLU B 208 -24.03 21.14 1.30
C GLU B 208 -22.84 20.64 2.11
N ALA B 209 -22.40 19.39 1.93
CA ALA B 209 -21.30 18.88 2.73
C ALA B 209 -20.06 19.73 2.54
N GLN B 210 -19.38 20.05 3.65
CA GLN B 210 -18.20 20.89 3.63
C GLN B 210 -16.92 20.10 3.84
N PHE B 211 -17.01 18.94 4.49
CA PHE B 211 -15.87 18.07 4.76
C PHE B 211 -16.30 16.67 4.35
N VAL B 212 -15.46 15.98 3.59
CA VAL B 212 -15.77 14.64 3.12
C VAL B 212 -14.61 13.74 3.53
N ILE B 213 -14.91 12.69 4.28
N ILE B 213 -14.91 12.70 4.29
CA ILE B 213 -13.89 11.82 4.87
CA ILE B 213 -13.91 11.81 4.88
C ILE B 213 -13.93 10.48 4.13
C ILE B 213 -13.95 10.49 4.11
N PRO B 214 -12.86 10.10 3.45
CA PRO B 214 -12.81 8.78 2.82
C PRO B 214 -12.50 7.69 3.84
N GLY B 215 -12.75 6.45 3.43
CA GLY B 215 -12.41 5.33 4.27
C GLY B 215 -10.92 5.21 4.57
N HIS B 216 -10.07 5.67 3.65
CA HIS B 216 -8.62 5.63 3.77
C HIS B 216 -8.05 6.91 3.23
N GLY B 217 -7.23 7.59 4.03
CA GLY B 217 -6.48 8.73 3.54
C GLY B 217 -7.10 10.07 3.84
N LEU B 218 -6.72 11.04 3.04
CA LEU B 218 -6.88 12.43 3.43
C LEU B 218 -8.31 12.93 3.18
N PRO B 219 -8.91 13.61 4.15
CA PRO B 219 -10.18 14.30 3.89
C PRO B 219 -10.06 15.33 2.79
N GLY B 220 -11.21 15.68 2.23
CA GLY B 220 -11.28 16.81 1.32
C GLY B 220 -12.68 17.33 1.31
N GLY B 221 -13.12 17.78 0.13
CA GLY B 221 -14.46 18.23 -0.08
C GLY B 221 -15.24 17.31 -0.99
N LEU B 222 -16.36 17.83 -1.51
CA LEU B 222 -17.18 17.00 -2.39
C LEU B 222 -16.46 16.60 -3.66
N ASP B 223 -15.35 17.28 -3.98
CA ASP B 223 -14.55 16.88 -5.13
CA ASP B 223 -14.53 16.87 -5.12
C ASP B 223 -14.16 15.41 -5.06
N LEU B 224 -14.11 14.82 -3.85
CA LEU B 224 -13.72 13.41 -3.75
C LEU B 224 -14.73 12.50 -4.44
N LEU B 225 -16.00 12.93 -4.56
CA LEU B 225 -17.01 12.08 -5.17
C LEU B 225 -16.74 11.87 -6.66
N LYS B 226 -16.65 12.96 -7.44
CA LYS B 226 -16.38 12.82 -8.86
C LYS B 226 -15.01 12.20 -9.10
N HIS B 227 -14.04 12.45 -8.21
CA HIS B 227 -12.76 11.78 -8.33
C HIS B 227 -12.93 10.27 -8.26
N THR B 228 -13.72 9.80 -7.29
CA THR B 228 -13.94 8.36 -7.15
C THR B 228 -14.66 7.79 -8.37
N THR B 229 -15.68 8.49 -8.86
CA THR B 229 -16.35 8.06 -10.08
C THR B 229 -15.38 7.94 -11.23
N ASN B 230 -14.48 8.91 -11.39
N ASN B 230 -14.46 8.90 -11.37
CA ASN B 230 -13.52 8.82 -12.48
CA ASN B 230 -13.49 8.85 -12.46
C ASN B 230 -12.67 7.56 -12.34
C ASN B 230 -12.61 7.61 -12.35
N VAL B 231 -12.18 7.29 -11.13
CA VAL B 231 -11.33 6.12 -10.91
C VAL B 231 -12.10 4.85 -11.20
N VAL B 232 -13.33 4.77 -10.71
CA VAL B 232 -14.12 3.57 -10.88
C VAL B 232 -14.47 3.35 -12.34
N LYS B 233 -14.84 4.41 -13.06
CA LYS B 233 -15.14 4.27 -14.49
C LYS B 233 -13.90 3.83 -15.26
N ALA B 234 -12.74 4.40 -14.94
CA ALA B 234 -11.52 3.94 -15.62
C ALA B 234 -11.29 2.46 -15.37
N HIS B 235 -11.48 2.02 -14.13
CA HIS B 235 -11.28 0.60 -13.82
C HIS B 235 -12.31 -0.25 -14.55
N THR B 236 -13.54 0.24 -14.65
CA THR B 236 -14.60 -0.48 -15.35
C THR B 236 -14.19 -0.79 -16.78
N ASN B 237 -13.48 0.12 -17.42
CA ASN B 237 -13.07 -0.01 -18.80
C ASN B 237 -11.68 -0.62 -18.97
N ARG B 238 -11.12 -1.19 -17.89
CA ARG B 238 -9.78 -1.77 -17.98
C ARG B 238 -9.64 -2.80 -19.10
N SER B 239 -8.45 -2.84 -19.70
B02 KDZ C . 6.95 -1.23 -9.11
C04 KDZ C . 6.50 0.26 -8.97
C06 KDZ C . 5.14 0.77 -11.54
C07 KDZ C . 3.94 1.36 -12.29
C08 KDZ C . 3.51 0.73 -13.44
C09 KDZ C . 2.43 1.25 -14.14
C10 KDZ C . 1.80 2.39 -13.69
C11 KDZ C . 2.24 3.04 -12.54
C12 KDZ C . 3.32 2.52 -11.84
C13 KDZ C . 6.34 0.68 -7.51
C14 KDZ C . 5.54 -0.48 -6.84
C15 KDZ C . 5.98 -1.77 -7.13
C16 KDZ C . 5.36 -2.89 -6.61
C17 KDZ C . 5.87 -4.27 -6.97
C20 KDZ C . 4.26 -2.70 -5.78
C21 KDZ C . 3.81 -1.40 -5.49
C22 KDZ C . 4.45 -0.28 -6.02
O01 KDZ C . 8.42 -1.36 -9.84
O03 KDZ C . 5.89 -2.03 -10.10
O18 KDZ C . 7.09 -4.43 -7.28
O19 KDZ C . 5.04 -5.23 -7.00
O23 KDZ C . 7.12 -1.91 -7.99
S05 KDZ C . 4.85 0.66 -9.75
B02 KL8 D . 7.12 -1.30 -8.87
C04 KL8 D . 6.36 0.05 -8.69
C06 KL8 D . 6.29 3.06 -8.99
C07 KL8 D . 5.20 3.59 -9.92
C08 KL8 D . 4.54 2.74 -10.80
C09 KL8 D . 3.56 3.23 -11.63
C10 KL8 D . 3.20 4.57 -11.58
C11 KL8 D . 3.85 5.42 -10.69
C12 KL8 D . 4.85 4.93 -9.87
C13 KL8 D . 6.29 0.43 -7.19
C14 KL8 D . 5.55 -0.78 -6.56
C15 KL8 D . 6.07 -2.03 -6.93
C16 KL8 D . 5.47 -3.18 -6.44
C17 KL8 D . 6.03 -4.54 -6.82
C20 KL8 D . 4.36 -3.09 -5.63
C21 KL8 D . 3.84 -1.83 -5.27
C22 KL8 D . 4.44 -0.67 -5.75
O01 KL8 D . 6.30 -2.19 -10.00
O03 KL8 D . 8.55 -1.23 -9.69
O18 KL8 D . 7.25 -4.68 -7.14
O19 KL8 D . 5.23 -5.51 -6.86
O23 KL8 D . 7.24 -2.06 -7.78
S05 KL8 D . 7.02 1.51 -9.62
ZN ZN E . 30.52 7.53 -17.88
ZN ZN F . 8.35 -2.47 -11.40
ZN ZN G . 8.77 -3.00 -7.19
CL CL H . 32.07 6.15 -17.05
CL CL I . 4.21 -20.91 -1.73
B02 KDZ J . -11.39 -2.94 2.59
C04 KDZ J . -10.52 -3.84 3.51
C06 KDZ J . -11.77 -6.59 2.87
C07 KDZ J . -11.71 -7.73 1.84
C08 KDZ J . -10.91 -8.84 2.05
C09 KDZ J . -10.89 -9.86 1.12
C10 KDZ J . -11.69 -9.77 -0.02
C11 KDZ J . -12.49 -8.66 -0.21
C12 KDZ J . -12.50 -7.64 0.72
C13 KDZ J . -9.10 -3.38 3.71
C14 KDZ J . -8.63 -2.60 2.45
C15 KDZ J . -9.57 -1.79 1.81
C16 KDZ J . -9.23 -1.06 0.69
C17 KDZ J . -10.30 -0.20 0.03
C20 KDZ J . -7.93 -1.12 0.18
C21 KDZ J . -6.99 -1.93 0.83
C22 KDZ J . -7.33 -2.67 1.97
O01 KDZ J . -12.87 -2.65 3.29
O03 KDZ J . -11.64 -3.83 1.21
O18 KDZ J . -10.24 0.01 -1.19
O19 KDZ J . -11.21 0.29 0.75
O23 KDZ J . -10.91 -1.73 2.33
S05 KDZ J . -10.32 -5.52 2.72
B02 KL8 K . -11.35 -2.83 2.57
C04 KL8 K . -10.32 -3.94 2.97
C06 KL8 K . -9.39 -5.93 5.02
C07 KL8 K . -9.24 -7.40 4.62
C08 KL8 K . -8.24 -8.15 5.21
C09 KL8 K . -8.07 -9.49 4.87
C10 KL8 K . -8.91 -10.07 3.94
C11 KL8 K . -9.91 -9.32 3.35
C12 KL8 K . -10.08 -7.98 3.69
C13 KL8 K . -9.00 -3.30 3.42
C14 KL8 K . -8.56 -2.35 2.29
C15 KL8 K . -9.56 -1.52 1.75
C16 KL8 K . -9.27 -0.64 0.71
C17 KL8 K . -10.36 0.27 0.13
C20 KL8 K . -7.98 -0.62 0.20
C21 KL8 K . -6.99 -1.46 0.73
C22 KL8 K . -7.28 -2.33 1.78
O01 KL8 K . -12.62 -2.75 3.63
O03 KL8 K . -12.11 -3.31 1.19
O18 KL8 K . -10.30 0.64 -1.07
O19 KL8 K . -11.31 0.65 0.86
O23 KL8 K . -10.87 -1.60 2.36
S05 KL8 K . -10.85 -5.12 4.30
ZN ZN L . -14.34 -2.95 2.22
ZN ZN M . -27.86 -3.57 22.99
ZN ZN N . -11.58 0.15 3.02
CL CL O . -10.63 13.55 -10.60
CL CL P . -8.39 10.77 -10.99
MG MG Q . 4.08 17.79 6.55
MG MG R . 6.83 8.16 14.36
C1 GOL S . -16.57 3.96 27.12
O1 GOL S . -15.97 4.39 25.97
C2 GOL S . -16.72 2.45 27.03
O2 GOL S . -18.04 2.11 26.70
C3 GOL S . -15.70 1.99 25.97
O3 GOL S . -14.42 2.45 26.35
#